data_3O53
#
_entry.id   3O53
#
_cell.length_a   79.265
_cell.length_b   79.265
_cell.length_c   238.643
_cell.angle_alpha   90.000
_cell.angle_beta   90.000
_cell.angle_gamma   90.000
#
_symmetry.space_group_name_H-M   'P 41 21 2'
#
loop_
_entity.id
_entity.type
_entity.pdbx_description
1 polymer 'Protein LRIM1'
2 branched 2-acetamido-2-deoxy-beta-D-glucopyranose-(1-4)-2-acetamido-2-deoxy-beta-D-glucopyranose
3 non-polymer 'COBALT (II) ION'
4 non-polymer 2-acetamido-2-deoxy-beta-D-glucopyranose
5 water water
#
_entity_poly.entity_id   1
_entity_poly.type   'polypeptide(L)'
_entity_poly.pdbx_seq_one_letter_code
;AIHEIKQNGNRYKIEKVTDSSLKQALASLRQSAWNVKELDLSGNPLSQISAADLAPFTKLELLNLSSNVLYETLDLESLS
TLRTLDLNNNYVQELLVGPSIETLHAANNNISRVSCSRGQGKKNIYLANNKITMLRDLDEGCRSRVQYLDLKLNEIDTVN
FAELAASSDTLEHLNLQYNFIYDVKGQVVFAKLKTLDLSSNKLAFMGPEFQSAAGVTWISLRNNKLVLIEKALRFSQNLE
HFDLRGNGFHCGTLRDFFSKNQRVQTVAKQTVKKLTGQNEEECTVPTLGHYGAYCCEDLPAPFADRLIALGHHHHHH
;
_entity_poly.pdbx_strand_id   A,B
#
# COMPACT_ATOMS: atom_id res chain seq x y z
N ILE A 2 -34.68 10.38 20.30
CA ILE A 2 -35.00 10.44 18.88
C ILE A 2 -33.79 10.02 18.02
N HIS A 3 -32.96 9.13 18.57
CA HIS A 3 -31.77 8.67 17.85
C HIS A 3 -32.10 7.54 16.88
N GLU A 4 -31.27 7.40 15.85
CA GLU A 4 -31.51 6.44 14.78
C GLU A 4 -30.32 5.52 14.61
N ILE A 5 -30.58 4.22 14.56
CA ILE A 5 -29.52 3.24 14.31
C ILE A 5 -29.70 2.58 12.95
N LYS A 6 -28.97 3.09 11.96
CA LYS A 6 -28.97 2.52 10.61
C LYS A 6 -27.96 1.36 10.55
N GLN A 7 -28.15 0.43 9.63
CA GLN A 7 -27.30 -0.76 9.59
C GLN A 7 -27.14 -1.38 8.20
N ASN A 8 -25.97 -1.97 7.99
CA ASN A 8 -25.62 -2.65 6.75
C ASN A 8 -24.66 -3.80 7.05
N GLY A 9 -25.18 -5.02 7.08
CA GLY A 9 -24.38 -6.17 7.44
C GLY A 9 -23.84 -6.02 8.85
N ASN A 10 -22.51 -6.00 8.99
CA ASN A 10 -21.89 -5.89 10.30
C ASN A 10 -21.38 -4.48 10.59
N ARG A 11 -21.94 -3.49 9.91
CA ARG A 11 -21.53 -2.11 10.15
C ARG A 11 -22.74 -1.27 10.51
N TYR A 12 -22.64 -0.60 11.65
CA TYR A 12 -23.74 0.17 12.21
C TYR A 12 -23.40 1.66 12.27
N LYS A 13 -24.42 2.49 12.18
CA LYS A 13 -24.24 3.94 12.23
C LYS A 13 -25.34 4.52 13.12
N ILE A 14 -24.98 5.48 13.95
CA ILE A 14 -25.94 6.07 14.87
C ILE A 14 -25.98 7.58 14.68
N GLU A 15 -27.17 8.13 14.55
CA GLU A 15 -27.35 9.56 14.32
C GLU A 15 -28.34 10.14 15.33
N LYS A 16 -28.29 11.46 15.49
CA LYS A 16 -29.20 12.16 16.38
C LYS A 16 -29.07 11.64 17.80
N VAL A 17 -27.84 11.36 18.22
CA VAL A 17 -27.54 10.97 19.60
C VAL A 17 -26.93 12.15 20.34
N THR A 18 -26.91 12.05 21.67
CA THR A 18 -26.38 13.10 22.51
C THR A 18 -25.71 12.45 23.71
N ASP A 19 -25.01 13.23 24.51
CA ASP A 19 -24.43 12.71 25.74
C ASP A 19 -25.50 12.04 26.60
N SER A 20 -26.72 12.56 26.55
CA SER A 20 -27.77 12.09 27.44
C SER A 20 -28.44 10.81 26.93
N SER A 21 -28.37 10.58 25.62
CA SER A 21 -29.05 9.43 25.02
C SER A 21 -28.07 8.40 24.44
N LEU A 22 -26.78 8.63 24.62
CA LEU A 22 -25.77 7.73 24.07
C LEU A 22 -25.88 6.37 24.75
N LYS A 23 -25.95 6.40 26.08
CA LYS A 23 -25.97 5.19 26.89
C LYS A 23 -27.11 4.27 26.48
N GLN A 24 -28.26 4.85 26.19
CA GLN A 24 -29.41 4.08 25.73
C GLN A 24 -29.15 3.47 24.36
N ALA A 25 -28.67 4.29 23.44
CA ALA A 25 -28.39 3.84 22.08
C ALA A 25 -27.45 2.64 22.08
N LEU A 26 -26.43 2.69 22.92
CA LEU A 26 -25.42 1.63 22.95
C LEU A 26 -25.99 0.36 23.59
N ALA A 27 -26.95 0.53 24.50
CA ALA A 27 -27.64 -0.62 25.09
C ALA A 27 -28.39 -1.39 24.01
N SER A 28 -29.14 -0.66 23.20
CA SER A 28 -29.83 -1.25 22.05
C SER A 28 -28.83 -1.98 21.16
N LEU A 29 -27.71 -1.32 20.89
CA LEU A 29 -26.69 -1.89 20.02
C LEU A 29 -26.14 -3.16 20.63
N ARG A 30 -25.98 -3.17 21.96
CA ARG A 30 -25.40 -4.32 22.64
C ARG A 30 -26.23 -5.58 22.43
N GLN A 31 -27.50 -5.40 22.06
CA GLN A 31 -28.41 -6.52 21.76
C GLN A 31 -27.87 -7.39 20.63
N SER A 32 -27.10 -6.79 19.74
CA SER A 32 -26.48 -7.49 18.62
C SER A 32 -24.97 -7.22 18.60
N ALA A 33 -24.37 -7.22 19.78
CA ALA A 33 -22.96 -6.84 19.96
C ALA A 33 -22.00 -7.71 19.16
N TRP A 34 -22.34 -8.98 18.98
CA TRP A 34 -21.46 -9.92 18.31
C TRP A 34 -21.31 -9.57 16.84
N ASN A 35 -22.32 -8.90 16.29
CA ASN A 35 -22.30 -8.53 14.88
C ASN A 35 -21.75 -7.13 14.62
N VAL A 36 -21.26 -6.45 15.65
CA VAL A 36 -20.77 -5.08 15.49
C VAL A 36 -19.28 -5.07 15.17
N LYS A 37 -18.97 -4.97 13.88
CA LYS A 37 -17.59 -4.89 13.43
C LYS A 37 -17.18 -3.44 13.20
N GLU A 38 -18.11 -2.61 12.75
CA GLU A 38 -17.80 -1.20 12.57
C GLU A 38 -18.92 -0.38 13.18
N LEU A 39 -18.56 0.65 13.93
CA LEU A 39 -19.54 1.58 14.49
C LEU A 39 -19.19 3.00 14.06
N ASP A 40 -20.18 3.69 13.51
CA ASP A 40 -19.99 5.04 13.01
C ASP A 40 -20.84 6.01 13.82
N LEU A 41 -20.18 6.88 14.59
CA LEU A 41 -20.87 7.86 15.42
C LEU A 41 -20.61 9.29 14.95
N SER A 42 -20.14 9.43 13.72
CA SER A 42 -19.72 10.74 13.22
C SER A 42 -20.87 11.73 13.11
N GLY A 43 -20.56 13.02 13.25
CA GLY A 43 -21.52 14.08 12.98
C GLY A 43 -22.36 14.49 14.18
N ASN A 44 -22.26 13.76 15.27
CA ASN A 44 -23.06 14.05 16.46
C ASN A 44 -22.39 15.06 17.37
N PRO A 45 -23.11 15.51 18.41
CA PRO A 45 -22.58 16.43 19.41
C PRO A 45 -22.02 15.74 20.64
N LEU A 46 -21.53 14.51 20.48
CA LEU A 46 -20.97 13.77 21.61
C LEU A 46 -19.74 14.48 22.15
N SER A 47 -19.71 14.69 23.46
CA SER A 47 -18.60 15.38 24.10
C SER A 47 -17.69 14.41 24.82
N GLN A 48 -18.11 13.15 24.91
CA GLN A 48 -17.26 12.14 25.53
C GLN A 48 -17.78 10.74 25.28
N ILE A 49 -16.87 9.78 25.31
CA ILE A 49 -17.23 8.38 25.21
C ILE A 49 -16.18 7.60 25.99
N SER A 50 -16.61 6.56 26.69
CA SER A 50 -15.69 5.79 27.50
C SER A 50 -15.47 4.43 26.89
N ALA A 51 -14.27 3.88 27.10
CA ALA A 51 -13.98 2.51 26.72
C ALA A 51 -15.03 1.57 27.31
N ALA A 52 -15.45 1.84 28.55
CA ALA A 52 -16.42 0.98 29.23
C ALA A 52 -17.71 0.86 28.44
N ASP A 53 -18.15 1.98 27.86
CA ASP A 53 -19.34 2.00 27.01
C ASP A 53 -19.18 1.06 25.83
N LEU A 54 -17.96 0.95 25.32
CA LEU A 54 -17.70 0.19 24.11
C LEU A 54 -17.18 -1.21 24.41
N ALA A 55 -16.90 -1.49 25.68
CA ALA A 55 -16.30 -2.75 26.09
C ALA A 55 -17.06 -3.98 25.57
N PRO A 56 -18.41 -3.95 25.58
CA PRO A 56 -19.16 -5.15 25.20
C PRO A 56 -19.09 -5.50 23.71
N PHE A 57 -18.50 -4.62 22.90
CA PHE A 57 -18.42 -4.87 21.47
C PHE A 57 -17.07 -5.47 21.11
N THR A 58 -16.94 -6.77 21.39
CA THR A 58 -15.65 -7.45 21.36
C THR A 58 -15.15 -7.74 19.95
N LYS A 59 -16.02 -7.54 18.96
CA LYS A 59 -15.65 -7.74 17.57
C LYS A 59 -15.47 -6.41 16.83
N LEU A 60 -15.58 -5.30 17.56
CA LEU A 60 -15.46 -3.98 16.96
C LEU A 60 -14.04 -3.72 16.43
N GLU A 61 -13.92 -3.53 15.11
CA GLU A 61 -12.64 -3.27 14.46
C GLU A 61 -12.49 -1.83 13.97
N LEU A 62 -13.59 -1.14 13.71
CA LEU A 62 -13.51 0.23 13.21
C LEU A 62 -14.50 1.11 13.94
N LEU A 63 -14.02 2.25 14.39
CA LEU A 63 -14.85 3.18 15.15
C LEU A 63 -14.66 4.57 14.59
N ASN A 64 -15.76 5.22 14.25
CA ASN A 64 -15.71 6.55 13.65
C ASN A 64 -16.33 7.59 14.56
N LEU A 65 -15.49 8.44 15.15
CA LEU A 65 -15.94 9.46 16.08
C LEU A 65 -15.79 10.86 15.49
N SER A 66 -15.52 10.95 14.18
CA SER A 66 -15.19 12.23 13.56
C SER A 66 -16.33 13.23 13.63
N SER A 67 -15.97 14.51 13.68
CA SER A 67 -16.92 15.61 13.64
C SER A 67 -17.92 15.55 14.80
N ASN A 68 -17.43 15.15 15.98
CA ASN A 68 -18.16 15.33 17.22
C ASN A 68 -17.57 16.53 17.95
N VAL A 69 -17.65 16.52 19.28
CA VAL A 69 -17.09 17.62 20.06
C VAL A 69 -16.33 17.07 21.26
N LEU A 70 -15.69 15.93 21.08
CA LEU A 70 -14.93 15.27 22.15
C LEU A 70 -13.82 16.19 22.61
N TYR A 71 -13.51 16.18 23.90
CA TYR A 71 -12.48 17.06 24.44
C TYR A 71 -11.66 16.36 25.49
N GLU A 72 -10.59 17.03 25.95
CA GLU A 72 -9.69 16.47 26.96
C GLU A 72 -9.18 15.09 26.54
N THR A 73 -9.38 14.09 27.39
CA THR A 73 -8.78 12.77 27.15
C THR A 73 -9.74 11.78 26.48
N LEU A 74 -9.29 11.17 25.39
CA LEU A 74 -10.01 10.07 24.76
C LEU A 74 -9.20 8.81 24.98
N ASP A 75 -9.65 7.97 25.92
CA ASP A 75 -8.88 6.81 26.32
C ASP A 75 -9.60 5.54 25.88
N LEU A 76 -9.09 4.93 24.82
CA LEU A 76 -9.67 3.72 24.28
C LEU A 76 -8.64 2.61 24.24
N GLU A 77 -7.68 2.70 25.16
CA GLU A 77 -6.57 1.75 25.20
C GLU A 77 -7.08 0.34 25.44
N SER A 78 -8.21 0.22 26.14
CA SER A 78 -8.74 -1.07 26.54
C SER A 78 -9.61 -1.72 25.47
N LEU A 79 -9.81 -1.04 24.35
CA LEU A 79 -10.49 -1.66 23.22
C LEU A 79 -9.46 -2.44 22.41
N SER A 80 -9.30 -3.71 22.80
CA SER A 80 -8.22 -4.55 22.33
C SER A 80 -8.33 -4.96 20.86
N THR A 81 -9.54 -4.90 20.31
CA THR A 81 -9.77 -5.40 18.94
C THR A 81 -9.75 -4.29 17.90
N LEU A 82 -9.90 -3.05 18.35
CA LEU A 82 -9.95 -1.90 17.47
C LEU A 82 -8.72 -1.82 16.53
N ARG A 83 -8.98 -1.71 15.23
CA ARG A 83 -7.92 -1.61 14.22
C ARG A 83 -7.88 -0.23 13.58
N THR A 84 -9.05 0.39 13.43
CA THR A 84 -9.13 1.67 12.76
C THR A 84 -9.93 2.61 13.64
N LEU A 85 -9.36 3.78 13.91
CA LEU A 85 -10.03 4.78 14.74
C LEU A 85 -9.95 6.10 14.01
N ASP A 86 -11.10 6.75 13.82
CA ASP A 86 -11.12 8.06 13.21
C ASP A 86 -11.80 9.07 14.14
N LEU A 87 -11.03 10.02 14.67
CA LEU A 87 -11.61 11.09 15.46
C LEU A 87 -11.27 12.45 14.88
N ASN A 88 -11.04 12.48 13.57
CA ASN A 88 -10.84 13.74 12.85
C ASN A 88 -11.89 14.76 13.28
N ASN A 89 -11.46 16.00 13.45
CA ASN A 89 -12.35 17.12 13.71
C ASN A 89 -13.08 16.97 15.04
N ASN A 90 -12.30 16.96 16.12
CA ASN A 90 -12.82 17.04 17.47
C ASN A 90 -11.91 17.99 18.25
N TYR A 91 -11.95 17.92 19.58
CA TYR A 91 -11.11 18.79 20.40
C TYR A 91 -10.22 18.03 21.35
N VAL A 92 -9.94 16.77 21.03
CA VAL A 92 -9.17 15.92 21.93
C VAL A 92 -7.79 16.51 22.22
N GLN A 93 -7.38 16.44 23.48
CA GLN A 93 -6.06 16.88 23.90
C GLN A 93 -5.11 15.72 24.15
N GLU A 94 -5.61 14.64 24.73
CA GLU A 94 -4.76 13.47 24.97
C GLU A 94 -5.45 12.20 24.50
N LEU A 95 -4.73 11.38 23.77
CA LEU A 95 -5.33 10.25 23.09
C LEU A 95 -4.55 8.99 23.44
N LEU A 96 -5.28 7.93 23.81
CA LEU A 96 -4.65 6.64 24.07
C LEU A 96 -5.40 5.54 23.33
N VAL A 97 -4.66 4.68 22.62
CA VAL A 97 -5.29 3.62 21.87
C VAL A 97 -4.58 2.28 22.10
N GLY A 98 -5.21 1.21 21.64
CA GLY A 98 -4.83 -0.15 22.00
C GLY A 98 -3.87 -0.84 21.06
N PRO A 99 -3.66 -2.14 21.29
CA PRO A 99 -2.61 -2.95 20.63
C PRO A 99 -2.94 -3.39 19.21
N SER A 100 -4.18 -3.24 18.77
CA SER A 100 -4.58 -3.67 17.42
C SER A 100 -4.70 -2.51 16.43
N ILE A 101 -4.39 -1.30 16.90
CA ILE A 101 -4.49 -0.12 16.04
C ILE A 101 -3.53 -0.23 14.86
N GLU A 102 -4.10 -0.06 13.67
CA GLU A 102 -3.33 -0.09 12.44
C GLU A 102 -3.45 1.27 11.76
N THR A 103 -4.59 1.92 11.90
CA THR A 103 -4.83 3.20 11.25
C THR A 103 -5.49 4.18 12.20
N LEU A 104 -4.85 5.33 12.39
CA LEU A 104 -5.30 6.30 13.39
C LEU A 104 -5.47 7.65 12.69
N HIS A 105 -6.71 8.05 12.49
CA HIS A 105 -7.03 9.34 11.92
C HIS A 105 -7.41 10.27 13.05
N ALA A 106 -6.61 11.30 13.29
CA ALA A 106 -6.88 12.19 14.40
C ALA A 106 -6.41 13.61 14.07
N ALA A 107 -6.64 14.02 12.83
CA ALA A 107 -6.31 15.36 12.38
C ALA A 107 -7.32 16.35 12.97
N ASN A 108 -6.89 17.60 13.10
CA ASN A 108 -7.80 18.68 13.49
C ASN A 108 -8.38 18.47 14.87
N ASN A 109 -7.51 18.18 15.83
CA ASN A 109 -7.89 18.14 17.23
C ASN A 109 -7.04 19.14 18.02
N ASN A 110 -6.95 18.98 19.34
CA ASN A 110 -6.06 19.78 20.19
C ASN A 110 -4.91 18.92 20.74
N ILE A 111 -4.52 17.88 20.01
CA ILE A 111 -3.72 16.81 20.60
C ILE A 111 -2.29 17.24 20.94
N SER A 112 -1.91 17.00 22.19
CA SER A 112 -0.53 17.21 22.62
C SER A 112 0.09 15.92 23.14
N ARG A 113 -0.68 14.83 23.26
CA ARG A 113 -0.15 13.54 23.71
C ARG A 113 -0.87 12.39 23.00
N VAL A 114 -0.09 11.44 22.47
CA VAL A 114 -0.65 10.22 21.92
C VAL A 114 0.10 9.03 22.51
N SER A 115 -0.63 7.98 22.85
CA SER A 115 -0.04 6.77 23.41
C SER A 115 -0.65 5.57 22.71
N CYS A 116 0.19 4.60 22.33
CA CYS A 116 -0.30 3.40 21.65
C CYS A 116 0.27 2.17 22.35
N SER A 117 -0.60 1.27 22.82
CA SER A 117 -0.17 0.03 23.46
C SER A 117 0.73 -0.78 22.54
N ARG A 118 1.70 -1.48 23.12
CA ARG A 118 2.65 -2.24 22.30
C ARG A 118 1.90 -3.19 21.37
N GLY A 119 2.26 -3.15 20.09
CA GLY A 119 1.64 -3.98 19.08
C GLY A 119 2.67 -4.66 18.22
N GLN A 120 2.20 -5.39 17.20
CA GLN A 120 3.10 -6.16 16.34
C GLN A 120 2.97 -5.75 14.88
N GLY A 121 1.85 -5.13 14.52
CA GLY A 121 1.61 -4.76 13.14
C GLY A 121 2.18 -3.38 12.86
N LYS A 122 2.01 -2.91 11.62
CA LYS A 122 2.41 -1.57 11.23
C LYS A 122 1.31 -0.56 11.56
N LYS A 123 1.69 0.70 11.70
CA LYS A 123 0.75 1.76 12.04
C LYS A 123 0.79 2.89 11.02
N ASN A 124 -0.37 3.42 10.67
CA ASN A 124 -0.47 4.61 9.84
C ASN A 124 -1.12 5.69 10.71
N ILE A 125 -0.41 6.79 10.93
CA ILE A 125 -0.81 7.77 11.93
C ILE A 125 -0.99 9.15 11.30
N TYR A 126 -2.20 9.68 11.40
CA TYR A 126 -2.55 10.95 10.78
C TYR A 126 -2.85 11.97 11.86
N LEU A 127 -1.92 12.88 12.12
CA LEU A 127 -2.06 13.86 13.19
C LEU A 127 -1.90 15.31 12.73
N ALA A 128 -2.23 15.59 11.48
CA ALA A 128 -2.09 16.95 10.98
C ALA A 128 -2.89 17.90 11.86
N ASN A 129 -2.37 19.11 12.06
CA ASN A 129 -3.14 20.20 12.67
C ASN A 129 -3.55 19.90 14.09
N ASN A 130 -2.55 19.72 14.95
CA ASN A 130 -2.77 19.46 16.36
C ASN A 130 -1.82 20.36 17.17
N LYS A 131 -1.52 19.98 18.40
CA LYS A 131 -0.65 20.79 19.26
C LYS A 131 0.59 20.01 19.70
N ILE A 132 1.10 19.17 18.82
CA ILE A 132 2.29 18.39 19.12
C ILE A 132 3.51 19.30 19.06
N THR A 133 4.33 19.30 20.11
CA THR A 133 5.53 20.14 20.13
C THR A 133 6.82 19.34 20.09
N MET A 134 6.76 18.03 20.23
CA MET A 134 7.95 17.21 20.16
C MET A 134 7.57 15.76 19.82
N LEU A 135 8.48 15.04 19.18
CA LEU A 135 8.21 13.65 18.82
C LEU A 135 7.91 12.79 20.04
N ARG A 136 8.51 13.10 21.19
CA ARG A 136 8.19 12.36 22.42
C ARG A 136 6.81 12.66 23.03
N ASP A 137 6.04 13.58 22.45
CA ASP A 137 4.60 13.66 22.76
C ASP A 137 3.89 12.36 22.34
N LEU A 138 4.47 11.67 21.37
CA LEU A 138 4.03 10.31 21.01
C LEU A 138 4.82 9.34 21.88
N ASP A 139 4.16 8.36 22.49
CA ASP A 139 4.90 7.44 23.35
C ASP A 139 5.63 6.44 22.44
N GLU A 140 6.40 5.54 23.05
CA GLU A 140 7.30 4.71 22.25
C GLU A 140 6.51 3.72 21.39
N GLY A 141 5.38 3.26 21.90
CA GLY A 141 4.48 2.43 21.12
C GLY A 141 4.06 3.13 19.84
N CYS A 142 3.72 4.42 19.95
CA CYS A 142 3.29 5.20 18.80
C CYS A 142 4.43 5.48 17.83
N ARG A 143 5.66 5.27 18.26
CA ARG A 143 6.81 5.49 17.37
C ARG A 143 7.43 4.18 16.89
N SER A 144 6.75 3.06 17.12
CA SER A 144 7.25 1.75 16.69
C SER A 144 6.47 1.21 15.49
N ARG A 145 7.21 0.78 14.47
CA ARG A 145 6.64 0.11 13.31
C ARG A 145 5.63 1.01 12.60
N VAL A 146 5.88 2.31 12.68
CA VAL A 146 5.11 3.28 11.92
C VAL A 146 5.48 3.21 10.43
N GLN A 147 4.46 3.23 9.59
CA GLN A 147 4.66 3.18 8.16
C GLN A 147 4.43 4.57 7.57
N TYR A 148 3.37 5.22 8.00
CA TYR A 148 3.03 6.54 7.50
C TYR A 148 2.83 7.46 8.72
N LEU A 149 3.52 8.59 8.74
CA LEU A 149 3.41 9.52 9.86
C LEU A 149 3.23 10.93 9.36
N ASP A 150 2.05 11.48 9.59
CA ASP A 150 1.75 12.84 9.17
C ASP A 150 1.67 13.73 10.39
N LEU A 151 2.64 14.61 10.56
CA LEU A 151 2.66 15.55 11.68
C LEU A 151 2.67 17.00 11.19
N LYS A 152 2.19 17.24 9.97
CA LYS A 152 2.18 18.59 9.44
C LYS A 152 1.29 19.53 10.26
N LEU A 153 1.57 20.83 10.18
CA LEU A 153 0.79 21.85 10.88
C LEU A 153 0.75 21.60 12.37
N ASN A 154 1.86 21.16 12.94
CA ASN A 154 1.95 21.11 14.39
C ASN A 154 2.95 22.17 14.85
N GLU A 155 3.45 22.03 16.07
CA GLU A 155 4.32 23.05 16.63
C GLU A 155 5.68 22.48 17.03
N ILE A 156 6.15 21.50 16.27
CA ILE A 156 7.40 20.85 16.60
C ILE A 156 8.63 21.79 16.39
N ASP A 157 9.53 21.80 17.36
CA ASP A 157 10.65 22.74 17.37
C ASP A 157 11.94 22.08 16.90
N THR A 158 12.07 20.79 17.16
CA THR A 158 13.26 20.06 16.74
C THR A 158 12.92 18.60 16.44
N VAL A 159 13.80 17.96 15.68
CA VAL A 159 13.62 16.56 15.31
C VAL A 159 14.90 15.79 15.57
N ASN A 160 14.76 14.64 16.22
CA ASN A 160 15.87 13.72 16.42
C ASN A 160 15.44 12.37 15.84
N PHE A 161 16.03 12.00 14.71
CA PHE A 161 15.62 10.81 13.99
C PHE A 161 15.69 9.56 14.85
N ALA A 162 16.64 9.52 15.76
CA ALA A 162 16.77 8.39 16.67
C ALA A 162 15.47 8.09 17.39
N GLU A 163 14.65 9.10 17.63
CA GLU A 163 13.39 8.89 18.33
C GLU A 163 12.38 8.08 17.50
N LEU A 164 12.69 7.90 16.23
CA LEU A 164 11.87 7.09 15.33
C LEU A 164 12.57 5.79 14.95
N ALA A 165 13.63 5.45 15.69
CA ALA A 165 14.44 4.27 15.38
C ALA A 165 13.64 2.96 15.40
N ALA A 166 12.59 2.91 16.22
CA ALA A 166 11.75 1.72 16.29
C ALA A 166 10.89 1.57 15.04
N SER A 167 11.03 2.51 14.11
CA SER A 167 10.36 2.42 12.82
C SER A 167 11.38 2.43 11.68
N SER A 168 12.63 2.14 11.99
CA SER A 168 13.69 2.24 11.00
C SER A 168 13.38 1.38 9.77
N ASP A 169 12.71 0.26 9.98
CA ASP A 169 12.50 -0.72 8.92
C ASP A 169 11.12 -0.63 8.27
N THR A 170 10.24 0.20 8.84
CA THR A 170 8.87 0.29 8.38
C THR A 170 8.47 1.65 7.80
N LEU A 171 9.14 2.71 8.22
CA LEU A 171 8.69 4.05 7.89
C LEU A 171 8.86 4.32 6.39
N GLU A 172 7.78 4.72 5.75
CA GLU A 172 7.77 5.00 4.32
C GLU A 172 7.53 6.49 4.03
N HIS A 173 6.72 7.13 4.86
CA HIS A 173 6.39 8.53 4.64
C HIS A 173 6.45 9.30 5.95
N LEU A 174 7.19 10.39 5.97
CA LEU A 174 7.29 11.27 7.14
C LEU A 174 6.99 12.70 6.70
N ASN A 175 5.86 13.26 7.14
CA ASN A 175 5.49 14.63 6.81
C ASN A 175 5.63 15.50 8.04
N LEU A 176 6.51 16.48 7.98
CA LEU A 176 6.78 17.35 9.11
C LEU A 176 6.68 18.80 8.63
N GLN A 177 6.02 19.00 7.50
CA GLN A 177 5.91 20.32 6.89
C GLN A 177 5.08 21.25 7.78
N TYR A 178 5.40 22.55 7.74
CA TYR A 178 4.65 23.54 8.49
C TYR A 178 4.69 23.31 10.00
N ASN A 179 5.88 22.99 10.49
CA ASN A 179 6.13 23.06 11.91
C ASN A 179 7.10 24.21 12.11
N PHE A 180 7.90 24.18 13.17
CA PHE A 180 8.85 25.26 13.39
C PHE A 180 10.23 24.70 13.67
N ILE A 181 10.54 23.61 12.97
CA ILE A 181 11.76 22.86 13.22
C ILE A 181 13.01 23.67 12.87
N TYR A 182 13.85 23.95 13.86
CA TYR A 182 15.06 24.74 13.63
C TYR A 182 16.31 23.86 13.68
N ASP A 183 16.16 22.63 14.14
CA ASP A 183 17.31 21.72 14.24
C ASP A 183 16.89 20.27 14.00
N VAL A 184 17.70 19.54 13.24
CA VAL A 184 17.48 18.12 13.05
C VAL A 184 18.79 17.40 13.36
N LYS A 185 18.71 16.25 13.99
CA LYS A 185 19.89 15.44 14.21
C LYS A 185 19.48 13.98 14.23
N GLY A 186 20.45 13.09 14.38
CA GLY A 186 20.20 11.67 14.45
C GLY A 186 20.58 10.96 13.17
N GLN A 187 21.22 9.80 13.32
CA GLN A 187 21.57 8.97 12.17
C GLN A 187 20.78 7.69 12.25
N VAL A 188 19.80 7.53 11.37
CA VAL A 188 19.05 6.29 11.31
C VAL A 188 18.97 5.85 9.85
N VAL A 189 19.17 4.56 9.63
CA VAL A 189 18.97 4.00 8.30
C VAL A 189 17.50 3.64 8.15
N PHE A 190 16.74 4.53 7.50
CA PHE A 190 15.34 4.26 7.20
C PHE A 190 15.26 3.50 5.89
N ALA A 191 15.33 2.17 5.98
CA ALA A 191 15.46 1.32 4.81
C ALA A 191 14.34 1.53 3.79
N LYS A 192 13.16 1.89 4.28
CA LYS A 192 11.97 1.97 3.43
C LYS A 192 11.47 3.39 3.17
N LEU A 193 12.15 4.39 3.70
CA LEU A 193 11.63 5.76 3.61
C LEU A 193 11.53 6.18 2.14
N LYS A 194 10.32 6.52 1.71
CA LYS A 194 10.09 7.01 0.35
C LYS A 194 10.00 8.53 0.27
N THR A 195 9.35 9.16 1.24
CA THR A 195 9.16 10.60 1.18
C THR A 195 9.46 11.26 2.53
N LEU A 196 10.13 12.41 2.47
CA LEU A 196 10.39 13.21 3.65
C LEU A 196 10.03 14.64 3.34
N ASP A 197 9.04 15.18 4.02
CA ASP A 197 8.63 16.56 3.80
C ASP A 197 8.97 17.41 5.02
N LEU A 198 9.98 18.26 4.88
CA LEU A 198 10.32 19.20 5.95
C LEU A 198 10.17 20.64 5.48
N SER A 199 9.31 20.87 4.49
CA SER A 199 9.15 22.20 3.92
C SER A 199 8.49 23.13 4.92
N SER A 200 8.69 24.44 4.74
CA SER A 200 8.15 25.46 5.62
C SER A 200 8.47 25.20 7.07
N ASN A 201 9.73 24.94 7.36
CA ASN A 201 10.21 24.91 8.73
C ASN A 201 11.29 26.00 8.80
N LYS A 202 12.13 25.96 9.81
N LYS A 202 12.15 25.93 9.80
CA LYS A 202 13.09 27.05 10.02
CA LYS A 202 13.08 27.02 10.07
C LYS A 202 14.53 26.56 10.10
C LYS A 202 14.54 26.56 10.09
N LEU A 203 14.85 25.51 9.35
CA LEU A 203 16.21 24.95 9.34
C LEU A 203 17.24 25.84 8.64
N ALA A 204 18.44 25.90 9.22
CA ALA A 204 19.54 26.68 8.66
C ALA A 204 20.64 25.79 8.07
N PHE A 205 20.73 24.53 8.52
CA PHE A 205 21.80 23.64 8.09
C PHE A 205 21.24 22.27 7.70
N MET A 206 21.47 21.86 6.46
CA MET A 206 21.06 20.53 6.04
C MET A 206 22.24 19.59 6.31
N GLY A 207 22.28 19.04 7.51
CA GLY A 207 23.48 18.39 8.01
C GLY A 207 23.57 16.90 7.72
N PRO A 208 24.55 16.23 8.34
CA PRO A 208 24.86 14.80 8.12
C PRO A 208 23.71 13.88 8.50
N GLU A 209 22.84 14.36 9.38
CA GLU A 209 21.64 13.62 9.76
C GLU A 209 20.82 13.23 8.52
N PHE A 210 20.96 13.98 7.44
CA PHE A 210 20.15 13.73 6.26
C PHE A 210 20.61 12.53 5.44
N GLN A 211 21.71 11.91 5.84
CA GLN A 211 22.06 10.63 5.26
C GLN A 211 20.97 9.62 5.68
N SER A 212 20.28 9.92 6.77
CA SER A 212 19.12 9.12 7.18
C SER A 212 18.08 9.04 6.07
N ALA A 213 18.09 10.01 5.17
CA ALA A 213 17.13 10.02 4.07
C ALA A 213 17.78 9.82 2.70
N ALA A 214 18.99 9.24 2.68
CA ALA A 214 19.73 9.06 1.43
C ALA A 214 18.94 8.31 0.35
N GLY A 215 18.01 7.46 0.77
CA GLY A 215 17.32 6.57 -0.15
C GLY A 215 15.94 7.03 -0.63
N VAL A 216 15.53 8.23 -0.24
CA VAL A 216 14.17 8.69 -0.56
C VAL A 216 13.96 8.94 -2.04
N THR A 217 12.70 8.90 -2.44
CA THR A 217 12.27 9.28 -3.77
C THR A 217 11.90 10.75 -3.82
N TRP A 218 11.36 11.25 -2.72
CA TRP A 218 10.80 12.60 -2.69
C TRP A 218 11.28 13.27 -1.40
N ILE A 219 11.90 14.43 -1.51
CA ILE A 219 12.28 15.18 -0.33
C ILE A 219 12.13 16.68 -0.59
N SER A 220 11.63 17.39 0.41
CA SER A 220 11.52 18.85 0.31
C SER A 220 12.00 19.52 1.61
N LEU A 221 12.90 20.48 1.44
CA LEU A 221 13.21 21.41 2.50
C LEU A 221 12.90 22.82 1.99
N ARG A 222 11.90 22.92 1.12
CA ARG A 222 11.51 24.21 0.57
C ARG A 222 11.13 25.19 1.67
N ASN A 223 11.47 26.47 1.49
CA ASN A 223 11.04 27.53 2.41
C ASN A 223 11.46 27.25 3.85
N ASN A 224 12.69 26.79 4.00
CA ASN A 224 13.34 26.85 5.30
C ASN A 224 14.24 28.09 5.30
N LYS A 225 15.38 28.02 5.97
CA LYS A 225 16.32 29.14 5.99
C LYS A 225 17.72 28.62 5.79
N LEU A 226 17.85 27.64 4.91
CA LEU A 226 19.13 26.94 4.74
C LEU A 226 20.21 27.87 4.20
N VAL A 227 21.38 27.81 4.84
CA VAL A 227 22.55 28.53 4.36
C VAL A 227 23.57 27.53 3.83
N LEU A 228 23.71 26.40 4.52
CA LEU A 228 24.72 25.40 4.17
C LEU A 228 24.14 24.00 4.07
N ILE A 229 24.81 23.17 3.28
CA ILE A 229 24.49 21.75 3.13
C ILE A 229 25.75 20.96 3.41
N GLU A 230 25.61 19.85 4.13
CA GLU A 230 26.74 18.96 4.42
C GLU A 230 27.23 18.35 3.13
N LYS A 231 28.50 18.61 2.78
CA LYS A 231 29.03 18.18 1.48
C LYS A 231 29.15 16.66 1.37
N ALA A 232 29.15 15.96 2.50
CA ALA A 232 29.33 14.51 2.49
C ALA A 232 28.04 13.76 2.18
N LEU A 233 26.92 14.47 2.13
CA LEU A 233 25.64 13.83 1.87
C LEU A 233 25.63 13.21 0.47
N ARG A 234 25.04 12.03 0.36
CA ARG A 234 24.86 11.36 -0.93
C ARG A 234 23.44 10.83 -1.04
N PHE A 235 22.79 11.07 -2.17
CA PHE A 235 21.49 10.46 -2.42
C PHE A 235 21.61 9.35 -3.44
N SER A 236 20.52 8.60 -3.62
CA SER A 236 20.51 7.42 -4.47
C SER A 236 19.80 7.70 -5.79
N GLN A 237 19.79 6.70 -6.66
CA GLN A 237 19.11 6.82 -7.95
C GLN A 237 17.60 6.80 -7.80
N ASN A 238 17.11 6.50 -6.60
CA ASN A 238 15.68 6.53 -6.31
C ASN A 238 15.11 7.94 -6.39
N LEU A 239 15.96 8.91 -6.12
CA LEU A 239 15.53 10.30 -6.00
C LEU A 239 14.88 10.81 -7.29
N GLU A 240 13.63 11.27 -7.20
CA GLU A 240 12.92 11.83 -8.36
C GLU A 240 12.42 13.26 -8.10
N HIS A 241 12.40 13.67 -6.84
CA HIS A 241 11.84 14.98 -6.48
C HIS A 241 12.69 15.55 -5.35
N PHE A 242 13.28 16.72 -5.61
CA PHE A 242 14.25 17.30 -4.70
C PHE A 242 14.01 18.80 -4.70
N ASP A 243 13.47 19.32 -3.61
CA ASP A 243 13.01 20.72 -3.59
C ASP A 243 13.65 21.51 -2.44
N LEU A 244 14.63 22.35 -2.79
CA LEU A 244 15.29 23.23 -1.82
C LEU A 244 15.04 24.68 -2.16
N ARG A 245 13.93 24.96 -2.86
CA ARG A 245 13.57 26.33 -3.19
C ARG A 245 13.32 27.13 -1.92
N GLY A 246 13.47 28.46 -2.00
CA GLY A 246 13.06 29.34 -0.94
C GLY A 246 14.01 29.45 0.26
N ASN A 247 15.28 29.09 0.05
CA ASN A 247 16.24 29.15 1.14
C ASN A 247 17.22 30.33 0.96
N GLY A 248 18.37 30.31 1.62
CA GLY A 248 19.35 31.39 1.49
C GLY A 248 20.76 30.85 1.36
N PHE A 249 21.00 30.03 0.35
CA PHE A 249 22.24 29.27 0.25
C PHE A 249 23.47 30.14 -0.02
N HIS A 250 24.60 29.74 0.56
CA HIS A 250 25.89 30.23 0.11
C HIS A 250 26.26 29.46 -1.15
N CYS A 251 26.67 30.16 -2.20
CA CYS A 251 26.97 29.51 -3.47
C CYS A 251 27.95 28.36 -3.30
N GLY A 252 28.99 28.58 -2.50
CA GLY A 252 29.99 27.55 -2.28
C GLY A 252 29.38 26.26 -1.81
N THR A 253 28.32 26.33 -1.00
CA THR A 253 27.77 25.11 -0.43
C THR A 253 27.07 24.30 -1.53
N LEU A 254 26.40 25.00 -2.45
CA LEU A 254 25.77 24.32 -3.59
C LEU A 254 26.84 23.72 -4.52
N ARG A 255 27.88 24.48 -4.83
CA ARG A 255 28.94 23.96 -5.69
C ARG A 255 29.53 22.69 -5.08
N ASP A 256 29.85 22.72 -3.79
CA ASP A 256 30.42 21.56 -3.11
C ASP A 256 29.49 20.35 -3.13
N PHE A 257 28.24 20.54 -2.74
CA PHE A 257 27.28 19.45 -2.65
C PHE A 257 27.00 18.82 -4.02
N PHE A 258 26.72 19.66 -5.01
CA PHE A 258 26.36 19.15 -6.34
C PHE A 258 27.55 18.52 -7.07
N SER A 259 28.76 18.98 -6.73
CA SER A 259 29.96 18.45 -7.38
C SER A 259 30.04 16.93 -7.22
N LYS A 260 29.47 16.41 -6.13
CA LYS A 260 29.55 14.98 -5.87
C LYS A 260 28.17 14.34 -5.90
N ASN A 261 27.18 15.13 -6.30
CA ASN A 261 25.81 14.65 -6.51
C ASN A 261 25.25 15.24 -7.81
N GLN A 262 25.97 15.02 -8.91
CA GLN A 262 25.61 15.61 -10.19
C GLN A 262 24.19 15.29 -10.62
N ARG A 263 23.76 14.05 -10.42
CA ARG A 263 22.40 13.66 -10.76
C ARG A 263 21.36 14.37 -9.88
N VAL A 264 21.72 14.68 -8.64
CA VAL A 264 20.81 15.40 -7.77
C VAL A 264 20.61 16.81 -8.34
N GLN A 265 21.66 17.40 -8.88
CA GLN A 265 21.55 18.74 -9.45
C GLN A 265 20.52 18.74 -10.58
N THR A 266 20.52 17.65 -11.34
CA THR A 266 19.60 17.47 -12.46
C THR A 266 18.17 17.27 -11.96
N VAL A 267 18.03 16.50 -10.89
CA VAL A 267 16.72 16.27 -10.29
C VAL A 267 16.16 17.57 -9.73
N ALA A 268 17.03 18.40 -9.16
CA ALA A 268 16.63 19.70 -8.61
C ALA A 268 16.07 20.59 -9.71
N LYS A 269 16.77 20.65 -10.84
CA LYS A 269 16.29 21.47 -11.94
C LYS A 269 14.94 20.96 -12.45
N GLN A 270 14.83 19.66 -12.68
CA GLN A 270 13.57 19.08 -13.17
C GLN A 270 12.44 19.33 -12.19
N THR A 271 12.74 19.25 -10.91
CA THR A 271 11.74 19.48 -9.87
C THR A 271 11.21 20.90 -9.94
N VAL A 272 12.10 21.88 -10.06
CA VAL A 272 11.67 23.28 -10.18
C VAL A 272 10.86 23.48 -11.47
N LYS A 273 11.33 22.92 -12.58
CA LYS A 273 10.61 23.04 -13.84
C LYS A 273 9.18 22.52 -13.71
N LYS A 274 9.06 21.31 -13.18
CA LYS A 274 7.76 20.66 -13.02
C LYS A 274 6.79 21.51 -12.19
N LEU A 275 7.31 22.20 -11.17
CA LEU A 275 6.44 22.91 -10.22
C LEU A 275 6.14 24.36 -10.61
N THR A 276 6.99 24.98 -11.42
CA THR A 276 6.80 26.41 -11.73
C THR A 276 6.85 26.73 -13.23
N GLY A 277 7.30 25.77 -14.02
CA GLY A 277 7.46 25.97 -15.45
C GLY A 277 8.74 26.72 -15.77
N GLN A 278 9.62 26.85 -14.78
CA GLN A 278 10.89 27.55 -14.96
C GLN A 278 12.06 26.65 -14.57
N ASN A 279 13.21 26.84 -15.20
CA ASN A 279 14.37 26.01 -14.92
C ASN A 279 15.20 26.50 -13.71
N GLU A 280 14.86 27.67 -13.17
CA GLU A 280 15.50 28.16 -11.96
C GLU A 280 14.46 28.91 -11.14
N GLU A 281 14.66 28.96 -9.83
CA GLU A 281 13.72 29.67 -8.96
C GLU A 281 13.96 31.15 -9.10
N GLU A 282 12.91 31.94 -8.88
CA GLU A 282 13.05 33.38 -8.87
C GLU A 282 13.64 33.83 -7.54
N CYS A 283 14.68 34.66 -7.59
CA CYS A 283 15.30 35.18 -6.38
C CYS A 283 14.59 36.44 -5.93
N THR A 284 14.65 36.72 -4.64
CA THR A 284 14.01 37.90 -4.08
C THR A 284 14.90 39.13 -4.26
N VAL A 285 16.20 38.93 -4.16
CA VAL A 285 17.16 40.01 -4.31
C VAL A 285 18.02 39.76 -5.56
N PRO A 286 17.82 40.57 -6.61
CA PRO A 286 18.58 40.51 -7.87
C PRO A 286 20.10 40.52 -7.71
N THR A 287 20.61 40.94 -6.55
CA THR A 287 22.04 40.83 -6.29
C THR A 287 22.40 39.37 -6.00
N LEU A 288 21.48 38.47 -6.31
CA LEU A 288 21.71 37.03 -6.14
C LEU A 288 21.86 36.38 -7.49
N GLY A 289 22.77 35.41 -7.58
CA GLY A 289 22.91 34.59 -8.76
C GLY A 289 22.29 33.24 -8.47
N HIS A 290 22.70 32.23 -9.22
CA HIS A 290 22.21 30.88 -9.01
C HIS A 290 23.40 29.95 -9.03
N TYR A 291 23.25 28.81 -8.37
CA TYR A 291 24.09 27.67 -8.67
C TYR A 291 23.15 26.54 -9.00
N GLY A 292 23.09 26.19 -10.27
CA GLY A 292 22.04 25.32 -10.75
C GLY A 292 20.73 26.05 -10.56
N ALA A 293 19.72 25.31 -10.15
CA ALA A 293 18.38 25.86 -10.08
C ALA A 293 18.17 26.81 -8.90
N TYR A 294 19.06 26.82 -7.91
CA TYR A 294 18.79 27.59 -6.71
C TYR A 294 19.54 28.92 -6.61
N CYS A 295 18.87 29.93 -6.07
CA CYS A 295 19.49 31.21 -5.80
C CYS A 295 20.59 30.98 -4.78
N CYS A 296 21.61 31.83 -4.82
CA CYS A 296 22.65 31.76 -3.81
C CYS A 296 23.41 33.07 -3.72
N GLU A 297 24.07 33.28 -2.58
CA GLU A 297 24.85 34.48 -2.34
C GLU A 297 26.23 34.03 -1.90
N ASP A 298 27.26 34.81 -2.24
CA ASP A 298 28.60 34.49 -1.80
C ASP A 298 28.79 34.87 -0.33
N LEU A 299 28.70 33.86 0.52
CA LEU A 299 28.97 34.00 1.95
C LEU A 299 30.20 33.16 2.30
N PRO A 300 31.36 33.54 1.75
CA PRO A 300 32.66 32.87 1.95
C PRO A 300 33.17 33.03 3.37
N ALA A 301 34.47 32.88 3.55
CA ALA A 301 35.11 33.16 4.83
C ALA A 301 34.23 32.58 5.95
N PRO A 302 34.09 33.29 7.08
CA PRO A 302 33.21 32.66 8.07
C PRO A 302 31.78 33.22 8.09
N PHE A 303 31.38 33.95 7.07
CA PHE A 303 30.05 34.58 7.07
C PHE A 303 28.93 33.57 7.17
N ALA A 304 29.01 32.47 6.41
CA ALA A 304 27.97 31.44 6.45
C ALA A 304 27.85 30.81 7.84
N ASP A 305 28.98 30.44 8.40
CA ASP A 305 29.04 29.83 9.73
C ASP A 305 28.46 30.76 10.78
N ARG A 306 28.74 32.06 10.64
CA ARG A 306 28.25 33.06 11.58
C ARG A 306 26.73 33.20 11.51
N LEU A 307 26.16 33.12 10.31
CA LEU A 307 24.70 33.18 10.15
C LEU A 307 24.04 32.02 10.88
N ILE A 308 24.64 30.84 10.77
CA ILE A 308 24.11 29.65 11.42
C ILE A 308 24.24 29.74 12.94
N ALA A 309 25.44 30.08 13.43
CA ALA A 309 25.66 30.19 14.88
C ALA A 309 24.77 31.27 15.48
N LEU A 310 24.76 32.46 14.86
CA LEU A 310 24.04 33.60 15.41
C LEU A 310 22.53 33.47 15.21
N GLY A 311 22.12 32.52 14.37
CA GLY A 311 20.71 32.25 14.16
C GLY A 311 20.05 31.81 15.45
N HIS A 312 20.84 31.22 16.35
CA HIS A 312 20.32 30.74 17.64
C HIS A 312 21.35 30.98 18.73
N HIS A 313 21.51 32.24 19.06
CA HIS A 313 22.52 32.64 20.04
C HIS A 313 21.93 32.56 21.42
N HIS A 314 21.76 31.33 21.90
CA HIS A 314 21.24 31.06 23.23
C HIS A 314 21.56 29.62 23.57
N HIS A 315 21.43 29.22 24.82
CA HIS A 315 21.76 27.84 25.18
C HIS A 315 20.77 26.89 24.54
N HIS A 316 21.12 25.61 24.50
CA HIS A 316 20.29 24.63 23.79
C HIS A 316 19.23 24.05 24.70
N HIS A 317 17.97 24.19 24.29
CA HIS A 317 16.86 23.60 25.03
C HIS A 317 16.71 22.12 24.70
N GLU B 4 4.91 -29.65 22.18
CA GLU B 4 6.06 -28.83 22.51
C GLU B 4 5.78 -27.37 22.16
N ILE B 5 5.02 -26.70 23.03
CA ILE B 5 4.52 -25.36 22.78
C ILE B 5 5.49 -24.27 23.27
N LYS B 6 5.76 -23.30 22.41
CA LYS B 6 6.67 -22.21 22.73
C LYS B 6 5.90 -20.89 22.84
N GLN B 7 5.09 -20.77 23.88
CA GLN B 7 4.27 -19.58 24.10
C GLN B 7 5.13 -18.32 24.24
N ASN B 8 4.79 -17.29 23.47
CA ASN B 8 5.43 -15.97 23.63
C ASN B 8 4.51 -15.06 24.42
N GLY B 9 3.86 -14.12 23.74
CA GLY B 9 2.81 -13.33 24.35
C GLY B 9 1.50 -14.05 24.10
N ASN B 10 0.79 -13.65 23.06
CA ASN B 10 -0.38 -14.40 22.60
C ASN B 10 -0.08 -15.04 21.25
N ARG B 11 1.17 -15.44 21.05
CA ARG B 11 1.62 -16.03 19.81
C ARG B 11 2.32 -17.34 20.06
N TYR B 12 1.64 -18.45 19.74
CA TYR B 12 2.13 -19.79 20.02
C TYR B 12 2.81 -20.45 18.81
N LYS B 13 3.89 -21.17 19.06
N LYS B 13 3.88 -21.18 19.06
CA LYS B 13 4.57 -21.95 18.03
CA LYS B 13 4.59 -21.93 18.03
C LYS B 13 4.89 -23.33 18.55
C LYS B 13 4.90 -23.33 18.55
N ILE B 14 4.38 -24.36 17.87
CA ILE B 14 4.60 -25.73 18.31
C ILE B 14 5.69 -26.38 17.45
N GLU B 15 6.89 -26.53 18.03
CA GLU B 15 8.12 -26.77 17.28
C GLU B 15 8.39 -28.22 16.87
N LYS B 16 7.93 -29.17 17.66
CA LYS B 16 8.14 -30.58 17.32
C LYS B 16 6.85 -31.37 17.47
N VAL B 17 5.96 -31.22 16.48
CA VAL B 17 4.68 -31.92 16.49
C VAL B 17 4.61 -32.91 15.35
N THR B 18 3.65 -33.82 15.43
CA THR B 18 3.44 -34.84 14.42
C THR B 18 1.96 -35.16 14.30
N ASP B 19 1.61 -35.92 13.28
CA ASP B 19 0.23 -36.38 13.11
C ASP B 19 -0.27 -37.05 14.39
N SER B 20 0.64 -37.69 15.13
CA SER B 20 0.29 -38.41 16.35
C SER B 20 0.24 -37.53 17.59
N SER B 21 0.97 -36.42 17.58
CA SER B 21 1.06 -35.57 18.76
C SER B 21 0.42 -34.19 18.58
N LEU B 22 -0.19 -33.93 17.42
CA LEU B 22 -0.76 -32.61 17.17
C LEU B 22 -2.01 -32.39 18.01
N LYS B 23 -2.93 -33.35 17.96
CA LYS B 23 -4.22 -33.20 18.63
C LYS B 23 -4.02 -32.96 20.12
N GLN B 24 -3.16 -33.78 20.74
CA GLN B 24 -2.84 -33.62 22.14
C GLN B 24 -2.10 -32.30 22.37
N ALA B 25 -1.24 -31.93 21.42
CA ALA B 25 -0.46 -30.71 21.54
C ALA B 25 -1.36 -29.48 21.60
N LEU B 26 -2.44 -29.50 20.82
CA LEU B 26 -3.38 -28.38 20.75
C LEU B 26 -4.31 -28.38 21.95
N ALA B 27 -4.69 -29.58 22.39
CA ALA B 27 -5.66 -29.73 23.47
C ALA B 27 -5.08 -29.19 24.79
N SER B 28 -3.76 -29.10 24.87
CA SER B 28 -3.10 -28.61 26.08
C SER B 28 -3.21 -27.09 26.19
N LEU B 29 -3.47 -26.44 25.06
CA LEU B 29 -3.70 -25.01 25.05
C LEU B 29 -5.20 -24.72 25.06
N ARG B 30 -5.99 -25.79 25.10
CA ARG B 30 -7.45 -25.66 25.12
C ARG B 30 -7.88 -24.97 26.41
N GLN B 31 -7.10 -25.14 27.46
CA GLN B 31 -7.35 -24.44 28.72
C GLN B 31 -6.94 -22.99 28.59
N SER B 32 -5.88 -22.75 27.84
CA SER B 32 -5.36 -21.41 27.62
C SER B 32 -5.78 -20.92 26.24
N ALA B 33 -7.05 -21.13 25.89
CA ALA B 33 -7.54 -20.87 24.54
C ALA B 33 -7.99 -19.43 24.32
N TRP B 34 -8.13 -18.66 25.40
CA TRP B 34 -8.55 -17.27 25.28
C TRP B 34 -7.39 -16.40 24.76
N ASN B 35 -6.17 -16.86 24.98
CA ASN B 35 -4.99 -16.07 24.64
C ASN B 35 -4.68 -16.08 23.15
N VAL B 36 -4.74 -17.26 22.54
CA VAL B 36 -4.22 -17.48 21.18
C VAL B 36 -4.71 -16.46 20.15
N LYS B 37 -3.82 -15.58 19.72
CA LYS B 37 -4.12 -14.62 18.66
C LYS B 37 -3.42 -15.01 17.35
N GLU B 38 -2.19 -15.51 17.45
CA GLU B 38 -1.44 -16.00 16.29
C GLU B 38 -0.77 -17.33 16.58
N LEU B 39 -1.14 -18.34 15.81
CA LEU B 39 -0.53 -19.66 15.92
C LEU B 39 0.37 -19.90 14.72
N ASP B 40 1.67 -19.76 14.95
CA ASP B 40 2.67 -20.05 13.93
C ASP B 40 3.16 -21.48 14.06
N LEU B 41 2.86 -22.30 13.07
CA LEU B 41 3.21 -23.72 13.07
C LEU B 41 4.15 -24.09 11.93
N SER B 42 4.86 -23.09 11.41
CA SER B 42 5.71 -23.30 10.24
C SER B 42 6.92 -24.16 10.57
N GLY B 43 7.32 -25.00 9.61
CA GLY B 43 8.55 -25.76 9.72
C GLY B 43 8.41 -27.14 10.34
N ASN B 44 7.20 -27.67 10.35
CA ASN B 44 6.94 -28.99 10.93
C ASN B 44 6.74 -30.06 9.87
N PRO B 45 6.61 -31.32 10.30
CA PRO B 45 6.32 -32.44 9.41
C PRO B 45 4.83 -32.76 9.36
N LEU B 46 3.98 -31.76 9.55
CA LEU B 46 2.54 -31.98 9.58
C LEU B 46 1.96 -32.26 8.19
N SER B 47 1.20 -33.35 8.07
CA SER B 47 0.62 -33.74 6.79
C SER B 47 -0.87 -33.43 6.79
N GLN B 48 -1.46 -33.24 7.97
CA GLN B 48 -2.87 -32.93 8.08
C GLN B 48 -3.12 -31.94 9.21
N ILE B 49 -4.21 -31.19 9.07
CA ILE B 49 -4.67 -30.32 10.13
C ILE B 49 -6.18 -30.42 10.23
N SER B 50 -6.68 -30.40 11.46
CA SER B 50 -8.11 -30.50 11.72
C SER B 50 -8.66 -29.21 12.28
N ALA B 51 -9.56 -28.57 11.55
CA ALA B 51 -10.19 -27.35 12.03
C ALA B 51 -10.92 -27.58 13.36
N ALA B 52 -11.46 -28.78 13.54
CA ALA B 52 -12.20 -29.08 14.75
C ALA B 52 -11.31 -28.88 15.97
N ASP B 53 -10.04 -29.27 15.86
CA ASP B 53 -9.08 -29.14 16.96
C ASP B 53 -8.66 -27.70 17.17
N LEU B 54 -8.89 -26.84 16.19
CA LEU B 54 -8.58 -25.43 16.33
C LEU B 54 -9.84 -24.65 16.71
N ALA B 55 -10.95 -25.37 16.84
CA ALA B 55 -12.25 -24.77 17.12
C ALA B 55 -12.27 -23.96 18.41
N PRO B 56 -11.66 -24.49 19.48
CA PRO B 56 -11.66 -23.79 20.78
C PRO B 56 -11.11 -22.37 20.70
N PHE B 57 -10.12 -22.15 19.83
CA PHE B 57 -9.40 -20.88 19.81
C PHE B 57 -10.18 -19.80 19.06
N THR B 58 -11.15 -19.23 19.76
CA THR B 58 -12.11 -18.31 19.17
C THR B 58 -11.56 -16.90 18.96
N LYS B 59 -10.28 -16.70 19.22
CA LYS B 59 -9.67 -15.40 19.02
C LYS B 59 -8.55 -15.45 17.96
N LEU B 60 -8.34 -16.63 17.39
CA LEU B 60 -7.27 -16.84 16.43
C LEU B 60 -7.44 -16.01 15.14
N GLU B 61 -6.52 -15.06 14.95
CA GLU B 61 -6.55 -14.16 13.80
C GLU B 61 -5.57 -14.55 12.69
N LEU B 62 -4.48 -15.22 13.06
CA LEU B 62 -3.46 -15.61 12.08
C LEU B 62 -2.99 -17.04 12.32
N LEU B 63 -2.91 -17.80 11.23
CA LEU B 63 -2.46 -19.18 11.30
C LEU B 63 -1.37 -19.42 10.28
N ASN B 64 -0.14 -19.64 10.74
CA ASN B 64 0.98 -19.91 9.83
C ASN B 64 1.24 -21.41 9.72
N LEU B 65 1.06 -21.93 8.51
CA LEU B 65 1.27 -23.34 8.22
C LEU B 65 2.39 -23.55 7.20
N SER B 66 3.16 -22.50 6.94
CA SER B 66 4.27 -22.58 5.99
C SER B 66 5.14 -23.83 6.13
N SER B 67 5.61 -24.34 4.99
CA SER B 67 6.65 -25.37 4.96
C SER B 67 6.38 -26.58 5.83
N ASN B 68 5.15 -27.09 5.78
CA ASN B 68 4.86 -28.41 6.33
C ASN B 68 4.85 -29.42 5.17
N VAL B 69 4.14 -30.53 5.34
CA VAL B 69 3.90 -31.45 4.24
C VAL B 69 2.40 -31.72 4.05
N LEU B 70 1.59 -30.68 4.22
CA LEU B 70 0.15 -30.80 4.04
C LEU B 70 -0.15 -31.25 2.61
N TYR B 71 -1.04 -32.23 2.46
CA TYR B 71 -1.40 -32.70 1.14
C TYR B 71 -2.93 -32.82 1.01
N GLU B 72 -3.37 -33.06 -0.21
CA GLU B 72 -4.79 -33.18 -0.50
C GLU B 72 -5.57 -31.98 0.03
N THR B 73 -6.50 -32.20 0.96
CA THR B 73 -7.41 -31.14 1.38
C THR B 73 -6.99 -30.47 2.69
N LEU B 74 -6.88 -29.15 2.64
CA LEU B 74 -6.76 -28.35 3.86
C LEU B 74 -8.08 -27.63 4.01
N ASP B 75 -8.84 -28.01 5.03
CA ASP B 75 -10.18 -27.50 5.21
C ASP B 75 -10.26 -26.69 6.50
N LEU B 76 -10.17 -25.37 6.38
CA LEU B 76 -10.21 -24.49 7.55
C LEU B 76 -11.42 -23.56 7.49
N GLU B 77 -12.42 -23.98 6.72
CA GLU B 77 -13.62 -23.18 6.53
C GLU B 77 -14.29 -22.80 7.84
N SER B 78 -14.35 -23.74 8.79
CA SER B 78 -15.12 -23.54 10.02
C SER B 78 -14.41 -22.63 11.03
N LEU B 79 -13.20 -22.20 10.70
CA LEU B 79 -12.50 -21.22 11.51
C LEU B 79 -12.98 -19.81 11.17
N SER B 80 -14.10 -19.42 11.79
CA SER B 80 -14.80 -18.21 11.43
C SER B 80 -14.02 -16.91 11.66
N THR B 81 -13.05 -16.92 12.57
CA THR B 81 -12.38 -15.67 12.94
C THR B 81 -11.08 -15.47 12.18
N LEU B 82 -10.50 -16.55 11.64
CA LEU B 82 -9.22 -16.46 10.95
C LEU B 82 -9.18 -15.38 9.88
N ARG B 83 -8.17 -14.50 9.96
CA ARG B 83 -8.01 -13.40 9.02
C ARG B 83 -6.87 -13.63 8.04
N THR B 84 -5.79 -14.21 8.52
CA THR B 84 -4.62 -14.41 7.69
C THR B 84 -4.20 -15.85 7.76
N LEU B 85 -4.22 -16.52 6.62
CA LEU B 85 -3.77 -17.90 6.54
C LEU B 85 -2.57 -17.97 5.63
N ASP B 86 -1.48 -18.59 6.11
CA ASP B 86 -0.31 -18.75 5.27
C ASP B 86 0.05 -20.21 5.20
N LEU B 87 -0.19 -20.83 4.05
CA LEU B 87 0.23 -22.22 3.84
C LEU B 87 1.21 -22.36 2.69
N ASN B 88 1.95 -21.30 2.38
CA ASN B 88 3.03 -21.39 1.39
C ASN B 88 3.88 -22.64 1.56
N ASN B 89 4.29 -23.23 0.43
CA ASN B 89 5.19 -24.38 0.42
C ASN B 89 4.63 -25.61 1.11
N ASN B 90 3.51 -26.11 0.61
CA ASN B 90 2.99 -27.40 1.01
C ASN B 90 2.63 -28.19 -0.26
N TYR B 91 1.73 -29.16 -0.15
CA TYR B 91 1.34 -29.99 -1.28
C TYR B 91 -0.19 -30.05 -1.34
N VAL B 92 -0.82 -28.98 -0.89
CA VAL B 92 -2.27 -28.92 -0.86
C VAL B 92 -2.83 -28.91 -2.27
N GLN B 93 -3.92 -29.66 -2.48
CA GLN B 93 -4.65 -29.68 -3.74
C GLN B 93 -6.00 -28.97 -3.67
N GLU B 94 -6.70 -29.09 -2.55
CA GLU B 94 -7.96 -28.36 -2.38
C GLU B 94 -7.91 -27.58 -1.09
N LEU B 95 -8.28 -26.31 -1.16
CA LEU B 95 -8.13 -25.41 -0.04
C LEU B 95 -9.50 -24.81 0.27
N LEU B 96 -9.89 -24.82 1.53
CA LEU B 96 -11.15 -24.22 1.95
C LEU B 96 -10.93 -23.28 3.11
N VAL B 97 -11.43 -22.06 2.99
CA VAL B 97 -11.21 -21.05 4.02
C VAL B 97 -12.53 -20.36 4.40
N GLY B 98 -12.49 -19.64 5.50
CA GLY B 98 -13.70 -19.13 6.12
C GLY B 98 -13.96 -17.66 5.88
N PRO B 99 -15.00 -17.11 6.51
CA PRO B 99 -15.54 -15.83 6.05
C PRO B 99 -14.77 -14.58 6.50
N SER B 100 -13.82 -14.71 7.41
CA SER B 100 -13.05 -13.53 7.81
C SER B 100 -11.71 -13.43 7.11
N ILE B 101 -11.38 -14.38 6.23
CA ILE B 101 -10.11 -14.31 5.53
C ILE B 101 -9.99 -12.97 4.82
N GLU B 102 -8.86 -12.31 5.03
CA GLU B 102 -8.54 -11.05 4.36
C GLU B 102 -7.30 -11.24 3.51
N THR B 103 -6.40 -12.10 3.97
CA THR B 103 -5.14 -12.35 3.28
C THR B 103 -4.86 -13.84 3.24
N LEU B 104 -4.66 -14.37 2.05
CA LEU B 104 -4.48 -15.79 1.88
C LEU B 104 -3.17 -16.03 1.14
N HIS B 105 -2.16 -16.54 1.83
CA HIS B 105 -0.90 -16.91 1.18
C HIS B 105 -0.89 -18.39 0.92
N ALA B 106 -0.93 -18.79 -0.34
CA ALA B 106 -0.96 -20.21 -0.65
C ALA B 106 -0.10 -20.55 -1.86
N ALA B 107 0.95 -19.79 -2.09
CA ALA B 107 1.93 -20.07 -3.15
C ALA B 107 2.66 -21.39 -2.94
N ASN B 108 3.18 -21.94 -4.04
CA ASN B 108 3.99 -23.15 -4.02
C ASN B 108 3.26 -24.33 -3.38
N ASN B 109 2.10 -24.65 -3.91
CA ASN B 109 1.34 -25.83 -3.51
C ASN B 109 0.97 -26.61 -4.78
N ASN B 110 0.01 -27.53 -4.70
CA ASN B 110 -0.53 -28.20 -5.88
C ASN B 110 -2.00 -27.86 -6.04
N ILE B 111 -2.38 -26.62 -5.78
CA ILE B 111 -3.78 -26.27 -5.62
C ILE B 111 -4.54 -26.26 -6.94
N SER B 112 -5.64 -27.03 -7.00
CA SER B 112 -6.50 -27.08 -8.19
C SER B 112 -7.85 -26.45 -7.91
N ARG B 113 -8.19 -26.34 -6.62
CA ARG B 113 -9.49 -25.84 -6.20
C ARG B 113 -9.37 -25.02 -4.91
N VAL B 114 -10.04 -23.87 -4.88
CA VAL B 114 -10.11 -23.05 -3.68
C VAL B 114 -11.56 -22.70 -3.41
N SER B 115 -11.95 -22.73 -2.15
CA SER B 115 -13.31 -22.36 -1.75
C SER B 115 -13.22 -21.38 -0.60
N CYS B 116 -13.97 -20.29 -0.71
CA CYS B 116 -13.93 -19.27 0.33
C CYS B 116 -15.35 -18.91 0.69
N SER B 117 -15.68 -18.95 1.98
CA SER B 117 -16.96 -18.44 2.42
C SER B 117 -17.01 -16.99 1.96
N ARG B 118 -18.15 -16.56 1.43
CA ARG B 118 -18.29 -15.18 0.99
C ARG B 118 -18.35 -14.30 2.23
N GLY B 119 -17.50 -13.26 2.26
CA GLY B 119 -17.46 -12.34 3.39
C GLY B 119 -17.88 -10.95 2.98
N GLN B 120 -17.79 -10.00 3.92
CA GLN B 120 -18.15 -8.61 3.65
C GLN B 120 -16.89 -7.78 3.44
N GLY B 121 -15.75 -8.34 3.82
CA GLY B 121 -14.48 -7.66 3.63
C GLY B 121 -13.93 -7.88 2.22
N LYS B 122 -12.65 -7.59 2.03
CA LYS B 122 -12.01 -7.80 0.76
C LYS B 122 -10.90 -8.81 0.96
N LYS B 123 -10.46 -9.42 -0.13
CA LYS B 123 -9.50 -10.51 -0.06
C LYS B 123 -8.27 -10.17 -0.88
N ASN B 124 -7.12 -10.49 -0.34
CA ASN B 124 -5.88 -10.53 -1.10
C ASN B 124 -5.51 -11.99 -1.19
N ILE B 125 -5.34 -12.47 -2.42
CA ILE B 125 -5.16 -13.89 -2.67
C ILE B 125 -3.85 -14.14 -3.43
N TYR B 126 -2.96 -14.91 -2.80
CA TYR B 126 -1.65 -15.21 -3.38
C TYR B 126 -1.60 -16.68 -3.75
N LEU B 127 -1.68 -16.98 -5.04
CA LEU B 127 -1.71 -18.37 -5.47
C LEU B 127 -0.62 -18.70 -6.49
N ALA B 128 0.46 -17.94 -6.50
CA ALA B 128 1.55 -18.21 -7.45
C ALA B 128 2.01 -19.65 -7.33
N ASN B 129 2.32 -20.25 -8.49
CA ASN B 129 2.90 -21.59 -8.58
C ASN B 129 1.98 -22.68 -8.03
N ASN B 130 0.83 -22.79 -8.66
CA ASN B 130 -0.15 -23.81 -8.30
C ASN B 130 -0.70 -24.43 -9.58
N LYS B 131 -1.82 -25.13 -9.51
CA LYS B 131 -2.33 -25.87 -10.66
C LYS B 131 -3.72 -25.43 -11.09
N ILE B 132 -4.00 -24.14 -10.91
CA ILE B 132 -5.27 -23.55 -11.35
C ILE B 132 -5.30 -23.54 -12.89
N THR B 133 -6.44 -23.88 -13.47
CA THR B 133 -6.51 -23.96 -14.93
C THR B 133 -7.54 -23.00 -15.52
N MET B 134 -8.60 -22.69 -14.75
CA MET B 134 -9.56 -21.69 -15.19
C MET B 134 -10.05 -20.95 -13.95
N LEU B 135 -10.66 -19.78 -14.12
CA LEU B 135 -11.03 -19.00 -12.94
C LEU B 135 -12.09 -19.71 -12.09
N ARG B 136 -12.96 -20.51 -12.71
CA ARG B 136 -13.98 -21.23 -11.94
C ARG B 136 -13.41 -22.26 -10.96
N ASP B 137 -12.12 -22.57 -11.05
CA ASP B 137 -11.49 -23.41 -10.03
C ASP B 137 -11.58 -22.76 -8.65
N LEU B 138 -11.60 -21.43 -8.62
CA LEU B 138 -11.93 -20.68 -7.41
C LEU B 138 -13.43 -20.61 -7.32
N ASP B 139 -14.01 -20.83 -6.15
CA ASP B 139 -15.48 -20.84 -6.10
C ASP B 139 -16.03 -19.42 -6.01
N GLU B 140 -17.35 -19.29 -6.05
CA GLU B 140 -17.98 -17.98 -6.08
C GLU B 140 -17.44 -17.05 -4.99
N GLY B 141 -17.45 -17.53 -3.75
CA GLY B 141 -16.92 -16.75 -2.64
C GLY B 141 -15.50 -16.26 -2.85
N CYS B 142 -14.62 -17.11 -3.41
CA CYS B 142 -13.24 -16.70 -3.66
C CYS B 142 -13.13 -15.61 -4.72
N ARG B 143 -14.15 -15.50 -5.56
CA ARG B 143 -14.09 -14.51 -6.64
C ARG B 143 -14.90 -13.26 -6.30
N SER B 144 -15.33 -13.18 -5.04
CA SER B 144 -16.15 -12.08 -4.57
C SER B 144 -15.31 -11.10 -3.77
N ARG B 145 -15.37 -9.83 -4.16
CA ARG B 145 -14.71 -8.73 -3.45
C ARG B 145 -13.21 -8.95 -3.30
N VAL B 146 -12.59 -9.47 -4.34
CA VAL B 146 -11.15 -9.62 -4.37
C VAL B 146 -10.50 -8.28 -4.71
N GLN B 147 -9.45 -7.94 -3.98
CA GLN B 147 -8.71 -6.72 -4.20
C GLN B 147 -7.38 -6.99 -4.89
N TYR B 148 -6.72 -8.07 -4.50
CA TYR B 148 -5.46 -8.44 -5.12
C TYR B 148 -5.50 -9.93 -5.42
N LEU B 149 -5.14 -10.31 -6.64
CA LEU B 149 -5.19 -11.71 -7.06
C LEU B 149 -3.95 -12.05 -7.86
N ASP B 150 -3.11 -12.91 -7.30
CA ASP B 150 -1.90 -13.40 -7.97
C ASP B 150 -2.07 -14.87 -8.41
N LEU B 151 -2.19 -15.07 -9.72
CA LEU B 151 -2.33 -16.39 -10.31
C LEU B 151 -1.18 -16.70 -11.27
N LYS B 152 -0.08 -15.96 -11.15
CA LYS B 152 1.08 -16.25 -11.98
C LYS B 152 1.55 -17.70 -11.78
N LEU B 153 2.16 -18.25 -12.81
CA LEU B 153 2.78 -19.57 -12.72
C LEU B 153 1.80 -20.68 -12.34
N ASN B 154 0.61 -20.62 -12.92
CA ASN B 154 -0.32 -21.72 -12.77
C ASN B 154 -0.44 -22.41 -14.14
N GLU B 155 -1.62 -22.94 -14.47
CA GLU B 155 -1.78 -23.68 -15.71
C GLU B 155 -3.04 -23.19 -16.42
N ILE B 156 -3.27 -21.89 -16.34
CA ILE B 156 -4.50 -21.33 -16.87
C ILE B 156 -4.41 -21.26 -18.38
N ASP B 157 -5.44 -21.78 -19.06
CA ASP B 157 -5.43 -21.77 -20.53
C ASP B 157 -6.53 -20.89 -21.12
N THR B 158 -7.38 -20.34 -20.27
CA THR B 158 -8.34 -19.36 -20.74
C THR B 158 -8.77 -18.49 -19.58
N VAL B 159 -9.11 -17.25 -19.86
CA VAL B 159 -9.55 -16.31 -18.84
C VAL B 159 -10.92 -15.77 -19.19
N ASN B 160 -11.88 -15.98 -18.29
CA ASN B 160 -13.21 -15.41 -18.46
C ASN B 160 -13.42 -14.31 -17.41
N PHE B 161 -13.33 -13.04 -17.83
CA PHE B 161 -13.44 -11.91 -16.92
C PHE B 161 -14.77 -11.89 -16.17
N ALA B 162 -15.80 -12.45 -16.79
CA ALA B 162 -17.11 -12.45 -16.15
C ALA B 162 -17.06 -13.21 -14.82
N GLU B 163 -16.12 -14.13 -14.67
CA GLU B 163 -15.97 -14.89 -13.41
C GLU B 163 -15.59 -13.97 -12.24
N LEU B 164 -15.03 -12.81 -12.56
CA LEU B 164 -14.64 -11.84 -11.55
C LEU B 164 -15.65 -10.68 -11.43
N ALA B 165 -16.87 -10.90 -11.93
CA ALA B 165 -17.93 -9.90 -11.87
C ALA B 165 -18.13 -9.39 -10.43
N ALA B 166 -18.07 -10.29 -9.46
CA ALA B 166 -18.32 -9.91 -8.07
C ALA B 166 -17.13 -9.19 -7.45
N SER B 167 -16.09 -8.96 -8.24
CA SER B 167 -14.97 -8.13 -7.82
C SER B 167 -14.81 -6.89 -8.71
N SER B 168 -15.84 -6.57 -9.47
CA SER B 168 -15.76 -5.46 -10.42
C SER B 168 -15.45 -4.15 -9.70
N ASP B 169 -15.89 -4.02 -8.45
CA ASP B 169 -15.71 -2.75 -7.74
C ASP B 169 -14.56 -2.80 -6.74
N THR B 170 -13.88 -3.93 -6.64
CA THR B 170 -12.81 -4.08 -5.65
C THR B 170 -11.44 -4.43 -6.24
N LEU B 171 -11.41 -5.10 -7.39
CA LEU B 171 -10.16 -5.64 -7.91
C LEU B 171 -9.21 -4.52 -8.33
N GLU B 172 -8.02 -4.54 -7.75
CA GLU B 172 -7.00 -3.53 -8.07
C GLU B 172 -5.79 -4.12 -8.82
N HIS B 173 -5.47 -5.38 -8.56
CA HIS B 173 -4.31 -6.02 -9.19
C HIS B 173 -4.62 -7.46 -9.60
N LEU B 174 -4.37 -7.77 -10.87
CA LEU B 174 -4.61 -9.10 -11.40
C LEU B 174 -3.36 -9.55 -12.13
N ASN B 175 -2.71 -10.59 -11.61
CA ASN B 175 -1.47 -11.09 -12.21
C ASN B 175 -1.74 -12.49 -12.74
N LEU B 176 -1.62 -12.62 -14.05
CA LEU B 176 -1.87 -13.89 -14.75
C LEU B 176 -0.65 -14.28 -15.59
N GLN B 177 0.51 -13.73 -15.26
CA GLN B 177 1.72 -13.96 -16.04
C GLN B 177 2.20 -15.40 -15.94
N TYR B 178 2.92 -15.86 -16.96
CA TYR B 178 3.43 -17.23 -17.00
C TYR B 178 2.34 -18.26 -16.77
N ASN B 179 1.30 -18.19 -17.59
CA ASN B 179 0.34 -19.28 -17.67
C ASN B 179 0.36 -19.80 -19.11
N PHE B 180 -0.78 -20.25 -19.63
CA PHE B 180 -0.82 -20.78 -20.99
C PHE B 180 -2.09 -20.29 -21.63
N ILE B 181 -2.39 -19.02 -21.39
CA ILE B 181 -3.68 -18.47 -21.76
C ILE B 181 -3.77 -18.23 -23.26
N TYR B 182 -4.70 -18.91 -23.91
CA TYR B 182 -4.93 -18.70 -25.33
C TYR B 182 -5.70 -17.42 -25.53
N ASP B 183 -6.74 -17.24 -24.73
CA ASP B 183 -7.64 -16.13 -24.99
C ASP B 183 -8.29 -15.61 -23.71
N VAL B 184 -8.76 -14.37 -23.80
CA VAL B 184 -9.52 -13.72 -22.74
C VAL B 184 -10.90 -13.39 -23.28
N LYS B 185 -11.94 -13.65 -22.49
CA LYS B 185 -13.31 -13.35 -22.90
C LYS B 185 -14.02 -12.64 -21.76
N GLY B 186 -15.14 -11.99 -22.05
CA GLY B 186 -15.95 -11.39 -21.01
C GLY B 186 -15.75 -9.89 -20.88
N GLN B 187 -16.80 -9.22 -20.42
CA GLN B 187 -16.85 -7.77 -20.36
C GLN B 187 -17.28 -7.37 -18.95
N VAL B 188 -16.36 -6.81 -18.17
CA VAL B 188 -16.69 -6.33 -16.85
C VAL B 188 -15.98 -5.01 -16.64
N VAL B 189 -16.67 -4.06 -16.01
CA VAL B 189 -16.08 -2.78 -15.68
C VAL B 189 -15.30 -2.90 -14.38
N PHE B 190 -14.00 -3.08 -14.49
CA PHE B 190 -13.15 -3.15 -13.31
C PHE B 190 -12.80 -1.73 -12.90
N ALA B 191 -13.71 -1.12 -12.16
CA ALA B 191 -13.63 0.31 -11.85
C ALA B 191 -12.36 0.70 -11.10
N LYS B 192 -11.76 -0.24 -10.38
CA LYS B 192 -10.62 0.08 -9.54
C LYS B 192 -9.31 -0.61 -9.98
N LEU B 193 -9.34 -1.25 -11.14
CA LEU B 193 -8.16 -1.99 -11.61
C LEU B 193 -7.00 -1.03 -11.92
N LYS B 194 -5.87 -1.29 -11.28
CA LYS B 194 -4.64 -0.52 -11.49
C LYS B 194 -3.64 -1.27 -12.34
N THR B 195 -3.46 -2.56 -12.09
CA THR B 195 -2.45 -3.34 -12.81
C THR B 195 -3.00 -4.68 -13.36
N LEU B 196 -2.58 -5.01 -14.57
CA LEU B 196 -3.00 -6.25 -15.21
C LEU B 196 -1.79 -6.83 -15.94
N ASP B 197 -1.31 -7.97 -15.45
CA ASP B 197 -0.17 -8.64 -16.08
C ASP B 197 -0.59 -9.92 -16.77
N LEU B 198 -0.53 -9.92 -18.09
CA LEU B 198 -0.83 -11.10 -18.89
C LEU B 198 0.40 -11.53 -19.68
N SER B 199 1.59 -11.12 -19.25
CA SER B 199 2.81 -11.40 -20.01
C SER B 199 3.13 -12.90 -19.97
N SER B 200 3.80 -13.39 -21.00
CA SER B 200 4.19 -14.79 -21.09
C SER B 200 2.98 -15.70 -21.07
N ASN B 201 2.06 -15.45 -21.99
CA ASN B 201 0.97 -16.37 -22.27
C ASN B 201 0.92 -16.62 -23.78
N LYS B 202 -0.23 -17.04 -24.31
CA LYS B 202 -0.31 -17.42 -25.72
C LYS B 202 -1.40 -16.67 -26.48
N LEU B 203 -1.70 -15.45 -26.05
CA LEU B 203 -2.77 -14.66 -26.67
C LEU B 203 -2.47 -14.31 -28.12
N ALA B 204 -3.48 -14.38 -28.97
CA ALA B 204 -3.34 -13.99 -30.38
C ALA B 204 -4.12 -12.71 -30.68
N PHE B 205 -5.09 -12.39 -29.82
CA PHE B 205 -5.96 -11.26 -30.08
C PHE B 205 -6.13 -10.46 -28.81
N MET B 206 -5.88 -9.16 -28.91
CA MET B 206 -6.19 -8.26 -27.83
C MET B 206 -7.58 -7.71 -28.14
N GLY B 207 -8.61 -8.46 -27.78
CA GLY B 207 -9.96 -8.15 -28.24
C GLY B 207 -10.72 -7.17 -27.37
N PRO B 208 -12.02 -6.98 -27.67
CA PRO B 208 -12.89 -6.01 -26.99
C PRO B 208 -12.99 -6.24 -25.50
N GLU B 209 -12.69 -7.46 -25.05
N GLU B 209 -12.69 -7.46 -25.08
CA GLU B 209 -12.73 -7.76 -23.63
CA GLU B 209 -12.70 -7.81 -23.66
C GLU B 209 -11.78 -6.88 -22.83
C GLU B 209 -11.76 -6.91 -22.85
N PHE B 210 -10.78 -6.31 -23.52
CA PHE B 210 -9.80 -5.48 -22.82
C PHE B 210 -10.32 -4.09 -22.46
N GLN B 211 -11.54 -3.78 -22.90
CA GLN B 211 -12.19 -2.57 -22.39
C GLN B 211 -12.43 -2.72 -20.89
N SER B 212 -12.46 -3.96 -20.40
CA SER B 212 -12.58 -4.23 -18.97
C SER B 212 -11.41 -3.62 -18.18
N ALA B 213 -10.27 -3.47 -18.83
CA ALA B 213 -9.09 -2.89 -18.20
C ALA B 213 -8.77 -1.49 -18.72
N ALA B 214 -9.77 -0.79 -19.26
CA ALA B 214 -9.54 0.52 -19.87
C ALA B 214 -8.93 1.56 -18.92
N GLY B 215 -9.15 1.37 -17.62
CA GLY B 215 -8.75 2.36 -16.63
C GLY B 215 -7.45 2.08 -15.91
N VAL B 216 -6.71 1.06 -16.36
CA VAL B 216 -5.49 0.65 -15.67
C VAL B 216 -4.35 1.65 -15.82
N THR B 217 -3.46 1.63 -14.83
CA THR B 217 -2.22 2.39 -14.85
C THR B 217 -1.12 1.61 -15.55
N TRP B 218 -1.15 0.28 -15.40
CA TRP B 218 -0.06 -0.59 -15.81
C TRP B 218 -0.63 -1.85 -16.47
N ILE B 219 -0.20 -2.14 -17.69
CA ILE B 219 -0.68 -3.35 -18.36
C ILE B 219 0.41 -3.94 -19.22
N SER B 220 0.56 -5.25 -19.16
CA SER B 220 1.52 -5.93 -20.01
C SER B 220 0.93 -7.14 -20.67
N LEU B 221 1.08 -7.22 -21.99
CA LEU B 221 0.84 -8.44 -22.74
C LEU B 221 2.13 -8.84 -23.43
N ARG B 222 3.24 -8.58 -22.75
CA ARG B 222 4.56 -8.88 -23.30
C ARG B 222 4.74 -10.39 -23.53
N ASN B 223 5.40 -10.75 -24.61
CA ASN B 223 5.69 -12.16 -24.88
C ASN B 223 4.44 -13.03 -25.00
N ASN B 224 3.47 -12.57 -25.76
CA ASN B 224 2.35 -13.42 -26.16
C ASN B 224 2.52 -13.73 -27.64
N LYS B 225 1.43 -14.01 -28.34
CA LYS B 225 1.49 -14.24 -29.79
C LYS B 225 0.58 -13.28 -30.55
N LEU B 226 0.46 -12.05 -30.05
CA LEU B 226 -0.51 -11.10 -30.59
C LEU B 226 -0.26 -10.78 -32.06
N VAL B 227 -1.32 -10.89 -32.86
CA VAL B 227 -1.30 -10.44 -34.25
C VAL B 227 -2.23 -9.26 -34.45
N LEU B 228 -3.35 -9.23 -33.75
CA LEU B 228 -4.36 -8.19 -33.93
C LEU B 228 -4.84 -7.56 -32.63
N ILE B 229 -5.21 -6.29 -32.72
CA ILE B 229 -5.82 -5.55 -31.63
C ILE B 229 -7.19 -5.02 -32.07
N GLU B 230 -8.14 -4.99 -31.14
CA GLU B 230 -9.47 -4.46 -31.42
C GLU B 230 -9.33 -2.93 -31.47
N LYS B 231 -9.67 -2.35 -32.62
CA LYS B 231 -9.38 -0.95 -32.87
C LYS B 231 -10.31 -0.08 -32.03
N ALA B 232 -11.36 -0.68 -31.49
CA ALA B 232 -12.36 0.07 -30.73
C ALA B 232 -11.91 0.30 -29.28
N LEU B 233 -10.85 -0.39 -28.86
CA LEU B 233 -10.36 -0.25 -27.49
C LEU B 233 -9.97 1.20 -27.18
N ARG B 234 -10.27 1.64 -25.97
CA ARG B 234 -9.87 2.98 -25.52
C ARG B 234 -9.34 2.88 -24.10
N PHE B 235 -8.18 3.48 -23.86
CA PHE B 235 -7.63 3.53 -22.52
C PHE B 235 -7.74 4.93 -21.94
N SER B 236 -7.63 5.03 -20.62
CA SER B 236 -7.83 6.29 -19.93
C SER B 236 -6.53 7.07 -19.82
N GLN B 237 -6.59 8.22 -19.15
CA GLN B 237 -5.41 9.04 -18.93
C GLN B 237 -4.62 8.52 -17.75
N ASN B 238 -5.13 7.47 -17.11
CA ASN B 238 -4.42 6.81 -16.02
C ASN B 238 -3.23 6.02 -16.53
N LEU B 239 -3.27 5.64 -17.81
CA LEU B 239 -2.26 4.75 -18.39
C LEU B 239 -0.86 5.36 -18.35
N GLU B 240 0.07 4.65 -17.72
CA GLU B 240 1.46 5.09 -17.68
C GLU B 240 2.42 3.99 -18.10
N HIS B 241 1.93 2.75 -18.18
CA HIS B 241 2.79 1.62 -18.55
C HIS B 241 2.02 0.65 -19.44
N PHE B 242 2.48 0.51 -20.67
CA PHE B 242 1.78 -0.26 -21.71
C PHE B 242 2.83 -1.07 -22.49
N ASP B 243 2.96 -2.37 -22.17
CA ASP B 243 4.05 -3.19 -22.71
C ASP B 243 3.52 -4.29 -23.64
N LEU B 244 3.77 -4.15 -24.94
CA LEU B 244 3.33 -5.14 -25.92
C LEU B 244 4.51 -5.76 -26.68
N ARG B 245 5.71 -5.68 -26.10
CA ARG B 245 6.90 -6.28 -26.69
C ARG B 245 6.74 -7.80 -26.88
N GLY B 246 7.41 -8.34 -27.88
CA GLY B 246 7.55 -9.78 -28.03
C GLY B 246 6.35 -10.48 -28.64
N ASN B 247 5.59 -9.74 -29.44
CA ASN B 247 4.43 -10.32 -30.10
C ASN B 247 4.66 -10.40 -31.62
N GLY B 248 3.60 -10.54 -32.41
CA GLY B 248 3.76 -10.67 -33.86
C GLY B 248 2.77 -9.82 -34.62
N PHE B 249 2.75 -8.52 -34.35
CA PHE B 249 1.70 -7.66 -34.89
C PHE B 249 1.71 -7.54 -36.40
N HIS B 250 0.51 -7.41 -36.95
CA HIS B 250 0.30 -6.93 -38.30
C HIS B 250 0.38 -5.41 -38.22
N CYS B 251 1.18 -4.79 -39.08
CA CYS B 251 1.37 -3.35 -39.01
C CYS B 251 0.03 -2.61 -39.06
N GLY B 252 -0.87 -3.05 -39.91
CA GLY B 252 -2.17 -2.39 -40.02
C GLY B 252 -2.92 -2.33 -38.69
N THR B 253 -2.82 -3.38 -37.89
CA THR B 253 -3.59 -3.42 -36.65
C THR B 253 -3.09 -2.37 -35.66
N LEU B 254 -1.77 -2.12 -35.63
CA LEU B 254 -1.20 -1.06 -34.81
C LEU B 254 -1.58 0.32 -35.35
N ARG B 255 -1.61 0.47 -36.66
CA ARG B 255 -2.03 1.72 -37.28
C ARG B 255 -3.44 2.06 -36.83
N ASP B 256 -4.37 1.11 -37.02
CA ASP B 256 -5.75 1.28 -36.62
C ASP B 256 -5.91 1.61 -35.13
N PHE B 257 -5.21 0.88 -34.27
CA PHE B 257 -5.37 1.08 -32.83
C PHE B 257 -4.79 2.41 -32.34
N PHE B 258 -3.56 2.72 -32.71
CA PHE B 258 -2.92 3.95 -32.26
C PHE B 258 -3.57 5.23 -32.81
N SER B 259 -4.21 5.14 -33.98
CA SER B 259 -4.79 6.32 -34.61
C SER B 259 -5.84 6.97 -33.71
N LYS B 260 -6.55 6.18 -32.93
CA LYS B 260 -7.56 6.70 -32.02
C LYS B 260 -7.13 6.58 -30.56
N ASN B 261 -5.84 6.29 -30.37
CA ASN B 261 -5.24 6.20 -29.04
C ASN B 261 -3.85 6.78 -29.10
N GLN B 262 -3.74 8.03 -29.54
CA GLN B 262 -2.46 8.66 -29.77
C GLN B 262 -1.63 8.72 -28.50
N ARG B 263 -2.28 8.99 -27.38
CA ARG B 263 -1.57 9.05 -26.12
C ARG B 263 -1.05 7.68 -25.70
N VAL B 264 -1.78 6.62 -26.08
CA VAL B 264 -1.33 5.27 -25.79
C VAL B 264 -0.06 4.99 -26.58
N GLN B 265 0.01 5.47 -27.81
CA GLN B 265 1.21 5.30 -28.61
C GLN B 265 2.41 5.95 -27.92
N THR B 266 2.18 7.13 -27.36
CA THR B 266 3.23 7.82 -26.63
C THR B 266 3.64 7.03 -25.39
N VAL B 267 2.66 6.47 -24.69
CA VAL B 267 2.95 5.72 -23.47
C VAL B 267 3.72 4.45 -23.82
N ALA B 268 3.39 3.85 -24.96
CA ALA B 268 4.06 2.64 -25.40
C ALA B 268 5.54 2.90 -25.63
N LYS B 269 5.85 3.99 -26.33
CA LYS B 269 7.23 4.35 -26.59
C LYS B 269 7.97 4.65 -25.28
N GLN B 270 7.31 5.39 -24.39
CA GLN B 270 7.91 5.72 -23.10
C GLN B 270 8.18 4.46 -22.29
N THR B 271 7.30 3.46 -22.43
CA THR B 271 7.48 2.21 -21.70
C THR B 271 8.70 1.45 -22.21
N VAL B 272 8.81 1.33 -23.54
CA VAL B 272 9.94 0.63 -24.12
C VAL B 272 11.23 1.36 -23.76
N LYS B 273 11.17 2.70 -23.74
CA LYS B 273 12.33 3.51 -23.40
C LYS B 273 12.75 3.29 -21.95
N LYS B 274 11.78 3.28 -21.05
CA LYS B 274 12.04 3.08 -19.63
C LYS B 274 12.71 1.72 -19.37
N LEU B 275 12.27 0.69 -20.08
CA LEU B 275 12.68 -0.68 -19.82
C LEU B 275 13.94 -1.10 -20.58
N THR B 276 14.13 -0.58 -21.79
CA THR B 276 15.23 -1.03 -22.64
C THR B 276 16.25 0.07 -22.95
N GLY B 277 15.93 1.30 -22.57
CA GLY B 277 16.77 2.45 -22.90
C GLY B 277 16.79 2.72 -24.40
N GLN B 278 15.74 2.29 -25.09
CA GLN B 278 15.66 2.46 -26.54
C GLN B 278 14.21 2.80 -26.93
N ASN B 279 14.02 3.58 -27.99
CA ASN B 279 12.69 4.08 -28.35
C ASN B 279 11.83 3.08 -29.12
N GLU B 280 12.41 1.94 -29.49
CA GLU B 280 11.65 0.92 -30.19
C GLU B 280 12.13 -0.47 -29.78
N GLU B 281 11.25 -1.44 -29.97
CA GLU B 281 11.50 -2.82 -29.63
C GLU B 281 12.54 -3.40 -30.55
N GLU B 282 13.43 -4.23 -30.02
CA GLU B 282 14.39 -4.94 -30.85
C GLU B 282 13.68 -6.16 -31.41
N CYS B 283 13.51 -6.21 -32.73
CA CYS B 283 12.75 -7.28 -33.37
C CYS B 283 13.50 -8.61 -33.35
N THR B 284 12.82 -9.67 -32.94
CA THR B 284 13.44 -11.01 -32.93
C THR B 284 13.71 -11.48 -34.36
N VAL B 285 12.87 -11.04 -35.29
CA VAL B 285 13.10 -11.26 -36.71
C VAL B 285 13.71 -10.00 -37.30
N PRO B 286 15.05 -9.99 -37.48
CA PRO B 286 15.83 -8.82 -37.95
C PRO B 286 15.29 -8.09 -39.17
N THR B 287 14.51 -8.75 -40.02
CA THR B 287 14.02 -8.12 -41.24
C THR B 287 12.69 -7.38 -41.09
N LEU B 288 12.15 -7.29 -39.88
CA LEU B 288 10.85 -6.65 -39.68
C LEU B 288 10.99 -5.14 -39.45
N GLY B 289 9.93 -4.41 -39.76
CA GLY B 289 9.86 -2.99 -39.45
C GLY B 289 9.06 -2.73 -38.18
N HIS B 290 8.65 -1.48 -38.00
CA HIS B 290 7.95 -1.07 -36.80
C HIS B 290 6.74 -0.21 -37.15
N TYR B 291 5.74 -0.20 -36.28
CA TYR B 291 4.78 0.89 -36.24
C TYR B 291 4.84 1.45 -34.84
N GLY B 292 5.25 2.70 -34.72
CA GLY B 292 5.59 3.25 -33.41
C GLY B 292 6.65 2.39 -32.77
N ALA B 293 6.46 2.06 -31.51
CA ALA B 293 7.48 1.37 -30.75
C ALA B 293 7.59 -0.13 -31.08
N TYR B 294 6.55 -0.71 -31.67
CA TYR B 294 6.49 -2.17 -31.76
C TYR B 294 6.81 -2.74 -33.13
N CYS B 295 7.51 -3.86 -33.15
CA CYS B 295 7.79 -4.55 -34.39
C CYS B 295 6.47 -4.99 -35.00
N CYS B 296 6.43 -5.02 -36.32
CA CYS B 296 5.25 -5.52 -37.03
C CYS B 296 5.63 -5.96 -38.42
N GLU B 297 4.71 -6.68 -39.04
CA GLU B 297 4.88 -7.21 -40.37
C GLU B 297 3.69 -6.74 -41.18
N ASP B 298 3.92 -6.43 -42.46
CA ASP B 298 2.82 -6.16 -43.39
C ASP B 298 2.32 -7.49 -43.94
N LEU B 299 1.22 -8.01 -43.39
CA LEU B 299 0.64 -9.23 -43.91
C LEU B 299 0.08 -8.98 -45.31
N PRO B 300 0.24 -9.97 -46.21
CA PRO B 300 -0.38 -9.89 -47.54
C PRO B 300 -1.87 -9.60 -47.40
N ALA B 301 -2.43 -8.78 -48.30
CA ALA B 301 -3.82 -8.35 -48.17
C ALA B 301 -4.80 -9.52 -48.12
N PRO B 302 -4.63 -10.51 -49.01
CA PRO B 302 -5.52 -11.68 -49.01
C PRO B 302 -5.50 -12.45 -47.69
N PHE B 303 -4.31 -12.71 -47.16
CA PHE B 303 -4.18 -13.43 -45.90
C PHE B 303 -4.69 -12.62 -44.71
N ALA B 304 -4.46 -11.31 -44.72
CA ALA B 304 -4.89 -10.45 -43.63
C ALA B 304 -6.41 -10.43 -43.58
N ASP B 305 -7.00 -10.40 -44.77
CA ASP B 305 -8.45 -10.45 -44.91
C ASP B 305 -8.98 -11.75 -44.33
N ARG B 306 -8.39 -12.88 -44.70
CA ARG B 306 -8.86 -14.18 -44.24
C ARG B 306 -8.72 -14.27 -42.71
N LEU B 307 -7.64 -13.69 -42.19
CA LEU B 307 -7.36 -13.75 -40.76
C LEU B 307 -8.46 -13.08 -39.94
N ILE B 308 -8.73 -11.83 -40.25
CA ILE B 308 -9.79 -11.06 -39.61
C ILE B 308 -11.14 -11.78 -39.74
N ALA B 309 -11.37 -12.36 -40.91
CA ALA B 309 -12.62 -13.07 -41.19
C ALA B 309 -12.81 -14.25 -40.24
N LEU B 310 -11.71 -14.78 -39.69
CA LEU B 310 -11.77 -15.91 -38.77
C LEU B 310 -12.46 -15.56 -37.44
N GLY B 311 -12.46 -14.30 -37.07
CA GLY B 311 -12.99 -13.90 -35.77
C GLY B 311 -12.10 -14.41 -34.64
N HIS B 312 -12.66 -14.47 -33.43
CA HIS B 312 -11.86 -14.82 -32.25
C HIS B 312 -12.67 -15.58 -31.20
N HIS B 313 -13.58 -16.43 -31.67
CA HIS B 313 -14.46 -17.17 -30.78
C HIS B 313 -13.67 -18.02 -29.78
N HIS B 314 -14.32 -18.37 -28.67
CA HIS B 314 -13.84 -19.44 -27.81
C HIS B 314 -14.78 -20.65 -27.92
N HIS B 315 -16.04 -20.48 -27.53
CA HIS B 315 -17.06 -21.50 -27.76
C HIS B 315 -17.54 -21.45 -29.21
N HIS B 316 -18.25 -22.48 -29.65
CA HIS B 316 -18.62 -22.59 -31.07
C HIS B 316 -20.05 -22.16 -31.40
N HIS B 317 -20.73 -21.56 -30.43
CA HIS B 317 -21.95 -20.82 -30.71
C HIS B 317 -22.20 -19.79 -29.62
#